data_4KW3
#
_entry.id   4KW3
#
_cell.length_a   199.804
_cell.length_b   199.804
_cell.length_c   56.456
_cell.angle_alpha   90.00
_cell.angle_beta   90.00
_cell.angle_gamma   90.00
#
_symmetry.space_group_name_H-M   'P 41 21 2'
#
loop_
_entity.id
_entity.type
_entity.pdbx_description
1 polymer NS1
2 water water
#
_entity_poly.entity_id   1
_entity_poly.type   'polypeptide(L)'
_entity_poly.pdbx_seq_one_letter_code
;MAFNPPVIRAFSQPAFTYVFKFPYPQWKEKEWLLHALLAHGTEQSMIQLRNCAPHPDEDIIRDDLLISLEDRHFGAVLCK
AVYMATTTLMSHKQRNMFPRCDIIVQSELGEKNLHCHIIVGGEGLSKRNAKSSCAQFYGLILAEIIQRCKSLLATRPFEP
EEADIFHTLKKAEREAWGGVTGGNMQILQYRDRRGDLHAQTVDPLRFFKNYLLPKNRCISSYSKPDVCTSPDNWFILAEK
TYSHTLINGLPLPEHYRKNYHATLDNEVIPG
;
_entity_poly.pdbx_strand_id   A,B
#
# COMPACT_ATOMS: atom_id res chain seq x y z
N PRO A 6 16.04 0.96 -0.61
CA PRO A 6 14.68 1.31 -1.03
C PRO A 6 13.64 0.46 -0.26
N VAL A 7 13.32 0.88 0.95
CA VAL A 7 12.34 0.15 1.76
C VAL A 7 10.90 0.17 1.17
N ILE A 8 10.25 -0.99 1.09
CA ILE A 8 8.90 -1.09 0.56
C ILE A 8 7.92 -0.39 1.50
N ARG A 9 6.99 0.39 0.95
CA ARG A 9 6.13 1.23 1.79
C ARG A 9 4.66 0.96 1.59
N ALA A 10 4.36 0.15 0.59
CA ALA A 10 2.99 -0.11 0.21
C ALA A 10 2.80 -1.52 -0.34
N PHE A 11 1.64 -2.11 -0.08
CA PHE A 11 1.39 -3.47 -0.54
C PHE A 11 -0.05 -3.67 -1.01
N SER A 12 -0.23 -3.98 -2.30
CA SER A 12 -1.55 -4.15 -2.92
C SER A 12 -2.48 -5.12 -2.20
N GLN A 13 -3.73 -4.68 -2.00
CA GLN A 13 -4.74 -5.53 -1.36
C GLN A 13 -5.77 -6.01 -2.39
N PRO A 14 -6.47 -7.13 -2.12
CA PRO A 14 -6.30 -8.00 -0.94
C PRO A 14 -5.01 -8.82 -1.09
N ALA A 15 -4.38 -9.15 0.04
CA ALA A 15 -3.14 -9.92 0.04
C ALA A 15 -3.32 -11.28 0.70
N PHE A 16 -2.60 -12.27 0.20
CA PHE A 16 -2.71 -13.62 0.73
C PHE A 16 -1.32 -14.21 0.90
N THR A 17 -1.20 -15.13 1.84
CA THR A 17 0.10 -15.75 2.13
C THR A 17 0.02 -17.26 1.93
N TYR A 18 0.96 -17.79 1.15
CA TYR A 18 1.03 -19.23 0.91
C TYR A 18 2.34 -19.83 1.42
N VAL A 19 2.30 -21.13 1.72
CA VAL A 19 3.53 -21.86 1.99
C VAL A 19 3.68 -23.00 1.00
N PHE A 20 4.78 -22.97 0.26
CA PHE A 20 5.15 -24.02 -0.66
C PHE A 20 6.18 -24.92 0.01
N LYS A 21 5.96 -26.23 0.00
CA LYS A 21 6.92 -27.22 0.51
C LYS A 21 7.56 -27.94 -0.67
N PHE A 22 8.89 -27.92 -0.78
CA PHE A 22 9.55 -28.71 -1.82
C PHE A 22 9.25 -30.22 -1.65
N PRO A 23 8.61 -30.84 -2.64
CA PRO A 23 8.10 -32.20 -2.36
C PRO A 23 9.15 -33.32 -2.44
N TYR A 24 10.22 -33.20 -1.67
CA TYR A 24 11.27 -34.23 -1.57
C TYR A 24 11.73 -34.40 -0.12
N PRO A 25 11.20 -35.41 0.55
CA PRO A 25 11.44 -35.61 1.99
C PRO A 25 12.92 -35.79 2.36
N GLN A 26 13.71 -36.40 1.47
CA GLN A 26 15.13 -36.67 1.74
C GLN A 26 16.05 -35.50 1.39
N TRP A 27 15.49 -34.30 1.20
CA TRP A 27 16.28 -33.14 0.79
C TRP A 27 17.44 -32.73 1.75
N LYS A 28 17.27 -32.81 3.07
CA LYS A 28 18.41 -32.52 3.96
C LYS A 28 19.51 -33.58 3.79
N GLU A 29 19.11 -34.84 3.83
CA GLU A 29 20.05 -35.95 3.77
C GLU A 29 20.82 -35.96 2.46
N LYS A 30 20.21 -35.48 1.39
CA LYS A 30 20.79 -35.58 0.06
C LYS A 30 20.80 -34.23 -0.66
N GLU A 31 21.20 -33.18 0.06
CA GLU A 31 21.08 -31.80 -0.45
C GLU A 31 21.93 -31.48 -1.68
N TRP A 32 23.07 -32.14 -1.80
CA TRP A 32 23.97 -31.93 -2.95
C TRP A 32 23.27 -32.21 -4.30
N LEU A 33 22.31 -33.13 -4.31
CA LEU A 33 21.45 -33.31 -5.48
C LEU A 33 20.72 -32.01 -5.86
N LEU A 34 20.23 -31.27 -4.86
CA LEU A 34 19.55 -30.02 -5.17
C LEU A 34 20.54 -28.97 -5.64
N HIS A 35 21.77 -29.01 -5.10
CA HIS A 35 22.81 -28.08 -5.53
C HIS A 35 22.96 -28.19 -7.04
N ALA A 36 22.96 -29.42 -7.55
CA ALA A 36 23.19 -29.67 -8.96
C ALA A 36 21.96 -29.36 -9.82
N LEU A 37 20.79 -29.84 -9.38
CA LEU A 37 19.54 -29.64 -10.11
C LEU A 37 19.11 -28.16 -10.18
N LEU A 38 19.31 -27.41 -9.09
CA LEU A 38 18.84 -26.03 -9.03
C LEU A 38 19.94 -24.98 -9.19
N ALA A 39 21.17 -25.33 -8.83
CA ALA A 39 22.25 -24.34 -8.75
C ALA A 39 23.52 -24.89 -9.35
N HIS A 40 23.40 -25.45 -10.55
CA HIS A 40 24.56 -26.01 -11.19
C HIS A 40 25.64 -24.94 -11.34
N GLY A 41 26.86 -25.27 -10.93
CA GLY A 41 27.96 -24.31 -10.91
C GLY A 41 28.38 -23.88 -9.51
N THR A 42 27.66 -24.35 -8.50
CA THR A 42 27.89 -23.91 -7.14
C THR A 42 28.27 -25.10 -6.29
N GLU A 43 28.24 -26.29 -6.89
CA GLU A 43 28.33 -27.50 -6.06
C GLU A 43 29.64 -27.57 -5.30
N GLN A 44 30.72 -27.08 -5.90
CA GLN A 44 32.00 -27.08 -5.22
C GLN A 44 32.05 -26.02 -4.14
N SER A 45 31.55 -24.84 -4.46
CA SER A 45 31.46 -23.77 -3.48
C SER A 45 30.71 -24.23 -2.22
N MET A 46 29.60 -24.95 -2.39
CA MET A 46 28.82 -25.46 -1.26
C MET A 46 29.65 -26.39 -0.37
N ILE A 47 30.44 -27.24 -0.99
CA ILE A 47 31.29 -28.14 -0.22
C ILE A 47 32.34 -27.41 0.61
N GLN A 48 33.02 -26.46 -0.02
CA GLN A 48 34.04 -25.67 0.64
C GLN A 48 33.46 -24.91 1.83
N LEU A 49 32.21 -24.49 1.69
CA LEU A 49 31.52 -23.72 2.71
C LEU A 49 31.42 -24.48 4.04
N ARG A 50 31.30 -25.82 3.96
CA ARG A 50 31.22 -26.68 5.15
C ARG A 50 32.39 -26.48 6.10
N ASN A 51 33.55 -26.09 5.57
CA ASN A 51 34.78 -26.02 6.34
C ASN A 51 35.06 -24.63 6.90
N CYS A 52 34.08 -23.74 6.77
CA CYS A 52 34.29 -22.34 7.15
C CYS A 52 34.04 -22.08 8.63
N ALA A 53 34.81 -21.16 9.19
CA ALA A 53 34.67 -20.70 10.56
C ALA A 53 33.52 -19.72 10.67
N PRO A 54 32.69 -19.85 11.72
CA PRO A 54 31.60 -18.90 12.02
C PRO A 54 32.14 -17.54 12.40
N HIS A 55 31.35 -16.51 12.20
CA HIS A 55 31.69 -15.20 12.73
C HIS A 55 31.75 -15.33 14.24
N PRO A 56 32.56 -14.49 14.91
CA PRO A 56 33.34 -13.37 14.37
C PRO A 56 34.79 -13.72 14.03
N ASP A 57 35.12 -15.01 13.97
CA ASP A 57 36.41 -15.45 13.46
C ASP A 57 36.70 -14.87 12.07
N GLU A 58 37.95 -14.50 11.85
CA GLU A 58 38.41 -14.09 10.52
C GLU A 58 38.38 -15.30 9.61
N ASP A 59 37.81 -15.17 8.42
CA ASP A 59 37.86 -16.26 7.44
C ASP A 59 37.61 -15.65 6.06
N ILE A 60 38.67 -15.40 5.33
CA ILE A 60 38.62 -14.70 4.04
C ILE A 60 38.01 -15.58 2.97
N ILE A 61 38.34 -16.87 3.02
CA ILE A 61 37.79 -17.84 2.10
C ILE A 61 36.27 -17.83 2.22
N ARG A 62 35.78 -17.92 3.45
CA ARG A 62 34.36 -17.80 3.74
C ARG A 62 33.75 -16.56 3.12
N ASP A 63 34.39 -15.41 3.32
CA ASP A 63 33.81 -14.16 2.85
C ASP A 63 33.64 -14.10 1.33
N ASP A 64 34.66 -14.57 0.59
CA ASP A 64 34.60 -14.60 -0.88
C ASP A 64 33.59 -15.60 -1.41
N LEU A 65 33.66 -16.80 -0.84
CA LEU A 65 32.75 -17.89 -1.16
C LEU A 65 31.31 -17.38 -1.10
N LEU A 66 30.96 -16.72 0.00
CA LEU A 66 29.62 -16.16 0.17
C LEU A 66 29.31 -15.06 -0.84
N ILE A 67 30.29 -14.18 -1.09
CA ILE A 67 30.12 -13.20 -2.16
C ILE A 67 29.87 -13.86 -3.51
N SER A 68 30.55 -14.98 -3.80
CA SER A 68 30.37 -15.55 -5.13
C SER A 68 29.04 -16.29 -5.21
N LEU A 69 28.52 -16.73 -4.08
CA LEU A 69 27.28 -17.48 -4.04
C LEU A 69 26.04 -16.64 -4.01
N GLU A 70 26.22 -15.33 -3.88
CA GLU A 70 25.16 -14.43 -3.40
C GLU A 70 23.75 -14.55 -3.99
N ASP A 71 23.59 -14.65 -5.30
CA ASP A 71 22.22 -14.86 -5.83
C ASP A 71 22.04 -16.22 -6.53
N ARG A 72 22.98 -17.13 -6.29
CA ARG A 72 23.13 -18.33 -7.09
C ARG A 72 22.92 -19.62 -6.33
N HIS A 73 22.92 -19.56 -5.00
CA HIS A 73 22.80 -20.82 -4.24
C HIS A 73 21.37 -21.36 -4.40
N PHE A 74 21.19 -22.64 -4.13
CA PHE A 74 19.99 -23.33 -4.54
C PHE A 74 18.72 -22.72 -3.93
N GLY A 75 18.82 -22.28 -2.69
CA GLY A 75 17.72 -21.62 -2.03
C GLY A 75 17.36 -20.33 -2.71
N ALA A 76 18.36 -19.61 -3.20
CA ALA A 76 18.07 -18.37 -3.92
C ALA A 76 17.37 -18.68 -5.25
N VAL A 77 17.79 -19.75 -5.92
CA VAL A 77 17.18 -20.14 -7.19
C VAL A 77 15.72 -20.58 -6.99
N LEU A 78 15.49 -21.41 -5.98
CA LEU A 78 14.15 -21.88 -5.63
C LEU A 78 13.25 -20.67 -5.44
N CYS A 79 13.79 -19.70 -4.73
CA CYS A 79 13.09 -18.49 -4.43
C CYS A 79 12.75 -17.67 -5.70
N LYS A 80 13.68 -17.57 -6.64
CA LYS A 80 13.38 -16.91 -7.93
C LYS A 80 12.33 -17.68 -8.73
N ALA A 81 12.41 -19.02 -8.68
CA ALA A 81 11.47 -19.87 -9.39
C ALA A 81 10.05 -19.61 -8.90
N VAL A 82 9.87 -19.64 -7.58
CA VAL A 82 8.58 -19.38 -6.96
C VAL A 82 8.05 -17.98 -7.31
N TYR A 83 8.93 -16.98 -7.26
CA TYR A 83 8.58 -15.62 -7.66
C TYR A 83 8.07 -15.56 -9.13
N MET A 84 8.85 -16.10 -10.05
CA MET A 84 8.39 -16.20 -11.43
C MET A 84 7.01 -16.90 -11.55
N ALA A 85 6.83 -18.01 -10.85
CA ALA A 85 5.57 -18.73 -10.85
C ALA A 85 4.41 -17.85 -10.34
N THR A 86 4.69 -17.06 -9.31
CA THR A 86 3.69 -16.16 -8.71
C THR A 86 3.27 -15.08 -9.71
N THR A 87 4.26 -14.56 -10.42
CA THR A 87 4.06 -13.62 -11.51
C THR A 87 3.17 -14.25 -12.58
N THR A 88 3.52 -15.46 -12.98
CA THR A 88 2.69 -16.19 -13.92
C THR A 88 1.26 -16.36 -13.39
N LEU A 89 1.14 -16.70 -12.09
CA LEU A 89 -0.17 -16.86 -11.47
C LEU A 89 -1.02 -15.60 -11.59
N MET A 90 -0.45 -14.46 -11.18
CA MET A 90 -1.20 -13.19 -11.23
C MET A 90 -1.51 -12.82 -12.67
N SER A 91 -0.59 -13.15 -13.55
CA SER A 91 -0.77 -12.96 -14.98
C SER A 91 -2.05 -13.67 -15.47
N HIS A 92 -2.24 -14.92 -15.06
CA HIS A 92 -3.45 -15.65 -15.39
C HIS A 92 -4.69 -15.00 -14.74
N LYS A 93 -4.61 -14.70 -13.44
CA LYS A 93 -5.75 -14.14 -12.72
C LYS A 93 -6.22 -12.82 -13.31
N GLN A 94 -5.30 -12.04 -13.86
CA GLN A 94 -5.63 -10.74 -14.44
C GLN A 94 -5.76 -10.75 -15.97
N ARG A 95 -5.54 -11.89 -16.61
CA ARG A 95 -5.49 -11.96 -18.07
C ARG A 95 -4.71 -10.79 -18.65
N ASN A 96 -3.47 -10.65 -18.21
CA ASN A 96 -2.62 -9.54 -18.56
C ASN A 96 -1.18 -10.02 -18.43
N MET A 97 -0.35 -9.74 -19.44
CA MET A 97 1.03 -10.21 -19.43
C MET A 97 1.87 -9.42 -18.45
N PHE A 98 1.41 -8.24 -18.08
CA PHE A 98 2.16 -7.43 -17.13
C PHE A 98 1.27 -7.04 -15.97
N PRO A 99 1.03 -7.98 -15.05
CA PRO A 99 0.07 -7.86 -13.94
C PRO A 99 0.46 -6.80 -12.93
N ARG A 100 -0.54 -6.13 -12.35
CA ARG A 100 -0.31 -5.22 -11.24
C ARG A 100 -0.49 -5.95 -9.93
N CYS A 101 0.63 -6.20 -9.26
CA CYS A 101 0.60 -6.91 -7.99
C CYS A 101 1.84 -6.63 -7.16
N ASP A 102 1.77 -6.92 -5.88
CA ASP A 102 2.97 -6.92 -5.07
C ASP A 102 3.26 -8.34 -4.64
N ILE A 103 4.55 -8.70 -4.68
CA ILE A 103 4.95 -10.06 -4.35
C ILE A 103 6.22 -10.08 -3.49
N ILE A 104 6.13 -10.74 -2.34
CA ILE A 104 7.34 -11.08 -1.58
C ILE A 104 7.46 -12.61 -1.51
N VAL A 105 8.68 -13.11 -1.72
CA VAL A 105 8.96 -14.54 -1.61
C VAL A 105 10.21 -14.71 -0.74
N GLN A 106 10.14 -15.66 0.18
CA GLN A 106 11.28 -16.01 1.00
C GLN A 106 11.41 -17.53 1.15
N SER A 107 12.56 -18.05 0.75
CA SER A 107 12.89 -19.47 0.91
C SER A 107 13.57 -19.71 2.25
N GLU A 108 13.34 -20.89 2.83
CA GLU A 108 13.89 -21.22 4.14
C GLU A 108 14.24 -22.70 4.22
N LEU A 109 15.44 -22.99 4.69
CA LEU A 109 15.83 -24.36 4.95
C LEU A 109 15.39 -24.66 6.36
N GLY A 110 14.21 -25.27 6.49
CA GLY A 110 13.66 -25.52 7.80
C GLY A 110 14.26 -26.73 8.53
N GLU A 111 13.86 -26.90 9.79
CA GLU A 111 14.28 -28.04 10.57
C GLU A 111 13.85 -29.29 9.83
N LYS A 112 12.62 -29.27 9.30
CA LYS A 112 12.05 -30.39 8.58
C LYS A 112 11.90 -30.08 7.10
N ASN A 113 11.29 -28.94 6.79
CA ASN A 113 10.95 -28.65 5.39
C ASN A 113 11.73 -27.57 4.70
N LEU A 114 11.99 -27.80 3.43
CA LEU A 114 12.50 -26.78 2.53
C LEU A 114 11.30 -26.00 1.96
N HIS A 115 11.06 -24.80 2.47
CA HIS A 115 9.86 -24.11 2.00
C HIS A 115 10.03 -22.69 1.52
N CYS A 116 9.03 -22.20 0.82
CA CYS A 116 8.96 -20.78 0.50
C CYS A 116 7.67 -20.20 1.07
N HIS A 117 7.77 -19.00 1.62
CA HIS A 117 6.60 -18.20 1.94
C HIS A 117 6.41 -17.22 0.82
N ILE A 118 5.17 -17.08 0.38
CA ILE A 118 4.81 -16.12 -0.66
C ILE A 118 3.72 -15.19 -0.13
N ILE A 119 4.00 -13.90 -0.12
CA ILE A 119 2.93 -12.93 0.11
C ILE A 119 2.62 -12.28 -1.23
N VAL A 120 1.38 -12.41 -1.67
CA VAL A 120 0.97 -11.86 -2.93
C VAL A 120 -0.37 -11.10 -2.83
N GLY A 121 -0.43 -9.95 -3.49
CA GLY A 121 -1.61 -9.12 -3.43
C GLY A 121 -1.84 -8.34 -4.71
N GLY A 122 -3.11 -8.14 -5.04
CA GLY A 122 -3.46 -7.44 -6.26
C GLY A 122 -4.75 -7.97 -6.83
N GLU A 123 -5.20 -7.30 -7.90
CA GLU A 123 -6.44 -7.61 -8.61
C GLU A 123 -6.37 -9.03 -9.15
N GLY A 124 -7.47 -9.77 -9.07
CA GLY A 124 -7.52 -11.14 -9.54
C GLY A 124 -7.50 -12.19 -8.44
N LEU A 125 -6.99 -11.82 -7.26
CA LEU A 125 -7.10 -12.65 -6.07
C LEU A 125 -8.19 -12.10 -5.16
N SER A 126 -8.84 -13.00 -4.42
CA SER A 126 -9.84 -12.59 -3.45
C SER A 126 -10.07 -13.75 -2.48
N LYS A 127 -10.83 -13.49 -1.41
CA LYS A 127 -11.25 -14.54 -0.48
C LYS A 127 -11.91 -15.70 -1.22
N ARG A 128 -12.57 -15.34 -2.31
CA ARG A 128 -13.38 -16.25 -3.09
C ARG A 128 -12.50 -17.30 -3.81
N ASN A 129 -11.37 -16.87 -4.36
CA ASN A 129 -10.48 -17.77 -5.11
C ASN A 129 -9.10 -18.11 -4.51
N ALA A 130 -8.66 -17.38 -3.50
CA ALA A 130 -7.29 -17.58 -3.00
C ALA A 130 -6.97 -19.01 -2.53
N LYS A 131 -7.82 -19.60 -1.72
CA LYS A 131 -7.57 -20.96 -1.23
C LYS A 131 -7.62 -21.98 -2.36
N SER A 132 -8.62 -21.85 -3.23
CA SER A 132 -8.85 -22.81 -4.30
C SER A 132 -7.75 -22.75 -5.37
N SER A 133 -6.96 -21.68 -5.35
CA SER A 133 -5.92 -21.51 -6.34
C SER A 133 -4.66 -22.25 -5.96
N CYS A 134 -4.65 -22.88 -4.79
CA CYS A 134 -3.49 -23.63 -4.33
C CYS A 134 -2.91 -24.63 -5.34
N ALA A 135 -3.73 -25.49 -5.90
CA ALA A 135 -3.21 -26.51 -6.82
C ALA A 135 -2.60 -25.90 -8.09
N GLN A 136 -3.30 -24.92 -8.64
CA GLN A 136 -2.84 -24.21 -9.81
C GLN A 136 -1.50 -23.55 -9.52
N PHE A 137 -1.41 -22.88 -8.38
CA PHE A 137 -0.20 -22.18 -7.96
C PHE A 137 0.93 -23.20 -7.80
N TYR A 138 0.62 -24.31 -7.13
CA TYR A 138 1.54 -25.42 -6.95
C TYR A 138 2.10 -25.91 -8.30
N GLY A 139 1.23 -26.05 -9.29
CA GLY A 139 1.64 -26.56 -10.58
C GLY A 139 2.53 -25.59 -11.34
N LEU A 140 2.19 -24.32 -11.28
CA LEU A 140 3.02 -23.29 -11.88
C LEU A 140 4.41 -23.26 -11.22
N ILE A 141 4.46 -23.45 -9.90
CA ILE A 141 5.74 -23.44 -9.18
C ILE A 141 6.57 -24.60 -9.65
N LEU A 142 5.94 -25.78 -9.70
CA LEU A 142 6.63 -27.00 -10.14
C LEU A 142 7.14 -26.88 -11.57
N ALA A 143 6.35 -26.25 -12.45
CA ALA A 143 6.77 -26.07 -13.84
C ALA A 143 8.10 -25.30 -13.92
N GLU A 144 8.22 -24.24 -13.11
CA GLU A 144 9.46 -23.45 -13.07
C GLU A 144 10.69 -24.22 -12.54
N ILE A 145 10.48 -24.96 -11.45
CA ILE A 145 11.52 -25.79 -10.86
C ILE A 145 11.99 -26.86 -11.86
N ILE A 146 11.03 -27.59 -12.42
CA ILE A 146 11.31 -28.64 -13.40
C ILE A 146 12.13 -28.11 -14.57
N GLN A 147 11.74 -26.93 -15.06
CA GLN A 147 12.46 -26.28 -16.16
C GLN A 147 13.91 -25.94 -15.77
N ARG A 148 14.09 -25.49 -14.52
CA ARG A 148 15.41 -25.14 -14.02
C ARG A 148 16.27 -26.41 -13.90
N CYS A 149 15.66 -27.51 -13.46
CA CYS A 149 16.34 -28.81 -13.39
C CYS A 149 16.96 -29.22 -14.70
N LYS A 150 16.28 -28.91 -15.80
CA LYS A 150 16.72 -29.32 -17.11
C LYS A 150 17.99 -28.57 -17.57
N SER A 151 18.27 -27.40 -16.98
CA SER A 151 19.46 -26.64 -17.36
C SER A 151 20.76 -27.43 -17.07
N LEU A 152 20.73 -28.25 -16.02
CA LEU A 152 21.81 -29.18 -15.71
C LEU A 152 22.11 -30.07 -16.91
N LEU A 153 21.08 -30.41 -17.68
CA LEU A 153 21.26 -31.31 -18.83
C LEU A 153 22.18 -30.73 -19.91
N ALA A 154 22.40 -29.42 -19.95
CA ALA A 154 23.35 -28.87 -20.91
C ALA A 154 24.80 -29.27 -20.60
N THR A 155 25.03 -29.71 -19.36
CA THR A 155 26.35 -30.04 -18.89
C THR A 155 26.56 -31.55 -18.80
N ARG A 156 25.54 -32.27 -18.36
CA ARG A 156 25.63 -33.72 -18.26
C ARG A 156 24.24 -34.32 -18.07
N PRO A 157 24.09 -35.62 -18.36
CA PRO A 157 22.80 -36.24 -18.02
C PRO A 157 22.61 -36.33 -16.52
N PHE A 158 21.38 -36.61 -16.09
CA PHE A 158 21.07 -36.77 -14.67
C PHE A 158 21.75 -38.01 -14.13
N GLU A 159 22.25 -37.92 -12.91
CA GLU A 159 22.63 -39.09 -12.15
C GLU A 159 21.33 -39.72 -11.69
N PRO A 160 21.37 -41.00 -11.31
CA PRO A 160 20.12 -41.71 -10.98
C PRO A 160 19.28 -41.04 -9.89
N GLU A 161 19.89 -40.69 -8.76
CA GLU A 161 19.16 -40.01 -7.69
C GLU A 161 18.60 -38.66 -8.13
N GLU A 162 19.34 -37.94 -8.97
CA GLU A 162 18.88 -36.66 -9.51
C GLU A 162 17.63 -36.89 -10.37
N ALA A 163 17.63 -37.97 -11.14
CA ALA A 163 16.51 -38.31 -12.00
C ALA A 163 15.27 -38.71 -11.18
N ASP A 164 15.52 -39.32 -10.03
CA ASP A 164 14.44 -39.68 -9.11
C ASP A 164 13.66 -38.44 -8.63
N ILE A 165 14.39 -37.41 -8.23
CA ILE A 165 13.81 -36.15 -7.82
C ILE A 165 13.01 -35.52 -8.95
N PHE A 166 13.62 -35.50 -10.14
CA PHE A 166 13.02 -34.92 -11.33
C PHE A 166 11.67 -35.57 -11.68
N HIS A 167 11.59 -36.88 -11.51
CA HIS A 167 10.35 -37.58 -11.83
C HIS A 167 9.33 -37.42 -10.71
N THR A 168 9.83 -37.27 -9.49
CA THR A 168 8.99 -36.91 -8.35
C THR A 168 8.27 -35.57 -8.57
N LEU A 169 9.02 -34.58 -9.06
CA LEU A 169 8.47 -33.28 -9.42
C LEU A 169 7.42 -33.38 -10.53
N LYS A 170 7.71 -34.15 -11.57
CA LYS A 170 6.82 -34.27 -12.71
C LYS A 170 5.51 -34.95 -12.32
N LYS A 171 5.59 -35.91 -11.42
CA LYS A 171 4.41 -36.61 -10.94
C LYS A 171 3.56 -35.66 -10.12
N ALA A 172 4.21 -34.91 -9.23
CA ALA A 172 3.55 -33.90 -8.42
C ALA A 172 2.86 -32.87 -9.31
N GLU A 173 3.52 -32.53 -10.42
CA GLU A 173 2.99 -31.56 -11.35
C GLU A 173 1.74 -32.08 -12.03
N ARG A 174 1.72 -33.37 -12.34
CA ARG A 174 0.56 -33.98 -12.97
C ARG A 174 -0.63 -33.96 -12.01
N GLU A 175 -0.34 -34.32 -10.76
CA GLU A 175 -1.35 -34.32 -9.71
C GLU A 175 -1.89 -32.93 -9.44
N ALA A 176 -1.04 -31.92 -9.57
CA ALA A 176 -1.48 -30.55 -9.35
C ALA A 176 -2.54 -30.15 -10.38
N TRP A 177 -2.35 -30.57 -11.63
CA TRP A 177 -3.30 -30.27 -12.68
C TRP A 177 -4.65 -30.92 -12.36
N GLY A 178 -4.63 -31.94 -11.51
CA GLY A 178 -5.86 -32.56 -11.04
C GLY A 178 -6.30 -32.07 -9.66
N GLY A 179 -5.72 -30.96 -9.21
CA GLY A 179 -6.12 -30.34 -7.96
C GLY A 179 -5.61 -30.97 -6.69
N VAL A 180 -4.65 -31.86 -6.80
CA VAL A 180 -4.01 -32.42 -5.63
C VAL A 180 -2.65 -31.76 -5.38
N THR A 181 -2.39 -31.36 -4.12
CA THR A 181 -1.12 -30.72 -3.76
C THR A 181 -0.32 -31.54 -2.75
N GLY A 182 -0.95 -32.54 -2.17
CA GLY A 182 -0.32 -33.36 -1.15
C GLY A 182 0.00 -32.60 0.12
N GLY A 183 -0.62 -31.43 0.31
CA GLY A 183 -0.32 -30.60 1.45
C GLY A 183 0.90 -29.70 1.29
N ASN A 184 1.51 -29.74 0.10
CA ASN A 184 2.73 -28.99 -0.18
C ASN A 184 2.49 -27.59 -0.72
N MET A 185 1.22 -27.22 -0.81
CA MET A 185 0.87 -25.84 -1.15
C MET A 185 -0.32 -25.47 -0.29
N GLN A 186 -0.12 -24.58 0.67
CA GLN A 186 -1.21 -24.23 1.58
C GLN A 186 -1.32 -22.74 1.73
N ILE A 187 -2.54 -22.26 1.93
CA ILE A 187 -2.76 -20.85 2.23
C ILE A 187 -2.78 -20.67 3.77
N LEU A 188 -2.17 -19.60 4.28
CA LEU A 188 -2.27 -19.31 5.71
C LEU A 188 -3.60 -18.68 6.08
N GLN A 189 -4.26 -19.28 7.06
CA GLN A 189 -5.52 -18.77 7.53
C GLN A 189 -5.43 -18.45 9.02
N TYR A 190 -6.30 -17.55 9.49
CA TYR A 190 -6.43 -17.25 10.91
C TYR A 190 -7.89 -17.20 11.38
N ARG A 191 -8.08 -17.17 12.69
CA ARG A 191 -9.39 -16.92 13.29
C ARG A 191 -9.53 -15.51 13.90
N ASP A 192 -10.69 -14.89 13.73
CA ASP A 192 -11.00 -13.71 14.53
C ASP A 192 -11.49 -14.19 15.90
N ARG A 193 -11.89 -13.25 16.76
CA ARG A 193 -12.38 -13.55 18.09
C ARG A 193 -13.52 -14.59 18.11
N ARG A 194 -14.50 -14.38 17.23
CA ARG A 194 -15.70 -15.22 17.18
C ARG A 194 -15.42 -16.63 16.70
N GLY A 195 -14.23 -16.84 16.14
CA GLY A 195 -13.88 -18.16 15.64
C GLY A 195 -14.14 -18.39 14.15
N ASP A 196 -14.30 -17.30 13.41
CA ASP A 196 -14.47 -17.42 11.97
C ASP A 196 -13.10 -17.51 11.27
N LEU A 197 -13.01 -18.28 10.18
CA LEU A 197 -11.78 -18.33 9.37
C LEU A 197 -11.64 -17.23 8.33
N HIS A 198 -10.42 -16.71 8.22
CA HIS A 198 -10.07 -15.73 7.21
C HIS A 198 -8.77 -16.11 6.52
N ALA A 199 -8.70 -15.95 5.20
CA ALA A 199 -7.53 -16.36 4.45
C ALA A 199 -6.78 -15.13 4.02
N GLN A 200 -7.40 -13.97 4.17
CA GLN A 200 -6.77 -12.73 3.77
C GLN A 200 -5.75 -12.30 4.81
N THR A 201 -4.56 -11.96 4.33
CA THR A 201 -3.53 -11.38 5.16
C THR A 201 -3.80 -9.87 5.31
N VAL A 202 -4.36 -9.49 6.44
CA VAL A 202 -4.77 -8.11 6.68
C VAL A 202 -3.61 -7.13 6.53
N ASP A 203 -2.47 -7.48 7.12
CA ASP A 203 -1.31 -6.59 7.12
C ASP A 203 -0.05 -7.23 6.55
N PRO A 204 0.04 -7.33 5.21
CA PRO A 204 1.20 -7.99 4.61
C PRO A 204 2.57 -7.42 5.02
N LEU A 205 2.72 -6.10 5.07
CA LEU A 205 3.99 -5.52 5.53
C LEU A 205 4.34 -5.90 6.97
N ARG A 206 3.36 -5.89 7.87
CA ARG A 206 3.68 -6.23 9.25
C ARG A 206 3.99 -7.70 9.40
N PHE A 207 3.37 -8.54 8.58
CA PHE A 207 3.68 -9.95 8.61
C PHE A 207 5.11 -10.17 8.10
N PHE A 208 5.45 -9.47 7.03
CA PHE A 208 6.82 -9.44 6.50
C PHE A 208 7.82 -8.99 7.56
N LYS A 209 7.54 -7.82 8.15
CA LYS A 209 8.45 -7.20 9.10
C LYS A 209 8.63 -8.03 10.35
N ASN A 210 7.52 -8.58 10.86
CA ASN A 210 7.59 -9.26 12.15
C ASN A 210 7.88 -10.74 12.10
N TYR A 211 7.50 -11.41 11.02
CA TYR A 211 7.70 -12.86 10.99
C TYR A 211 8.79 -13.27 10.00
N LEU A 212 8.85 -12.65 8.82
CA LEU A 212 9.82 -13.08 7.81
C LEU A 212 11.22 -12.42 7.97
N LEU A 213 11.25 -11.13 8.29
CA LEU A 213 12.51 -10.40 8.40
C LEU A 213 13.46 -10.83 9.52
N PRO A 214 12.96 -10.95 10.75
CA PRO A 214 13.97 -11.14 11.82
C PRO A 214 14.44 -12.57 11.97
N LYS A 215 15.08 -13.08 10.92
CA LYS A 215 15.69 -14.39 10.93
C LYS A 215 17.15 -14.27 10.50
N ASN A 216 17.98 -15.20 10.92
CA ASN A 216 19.37 -15.21 10.44
C ASN A 216 19.43 -16.05 9.19
N ARG A 217 20.44 -15.80 8.37
CA ARG A 217 20.60 -16.56 7.14
C ARG A 217 21.31 -17.88 7.33
N CYS A 218 20.80 -18.90 6.62
CA CYS A 218 21.51 -20.15 6.47
C CYS A 218 21.25 -20.73 5.07
N ILE A 219 22.29 -20.88 4.25
CA ILE A 219 22.10 -21.34 2.86
C ILE A 219 22.32 -22.84 2.62
N SER A 220 22.63 -23.58 3.67
CA SER A 220 22.79 -25.02 3.56
C SER A 220 22.53 -25.76 4.87
N SER A 221 21.95 -26.96 4.75
CA SER A 221 21.80 -27.85 5.88
C SER A 221 23.16 -28.19 6.48
N TYR A 222 24.23 -28.07 5.67
CA TYR A 222 25.57 -28.43 6.11
C TYR A 222 26.38 -27.20 6.46
N SER A 223 25.68 -26.11 6.72
CA SER A 223 26.33 -24.89 7.16
C SER A 223 25.59 -24.36 8.38
N LYS A 224 26.03 -23.21 8.87
CA LYS A 224 25.49 -22.63 10.11
C LYS A 224 25.18 -21.16 9.90
N PRO A 225 24.15 -20.66 10.58
CA PRO A 225 23.73 -19.28 10.46
C PRO A 225 24.83 -18.29 10.81
N ASP A 226 25.64 -18.62 11.81
CA ASP A 226 26.72 -17.72 12.21
C ASP A 226 27.88 -17.71 11.19
N VAL A 227 27.87 -18.67 10.26
CA VAL A 227 28.71 -18.57 9.07
C VAL A 227 28.05 -17.67 8.00
N CYS A 228 26.78 -17.93 7.72
CA CYS A 228 26.11 -17.30 6.58
C CYS A 228 25.62 -15.91 6.85
N THR A 229 25.60 -15.51 8.11
CA THR A 229 25.08 -14.19 8.51
C THR A 229 26.19 -13.33 9.02
N SER A 230 26.29 -12.13 8.48
CA SER A 230 27.29 -11.17 8.96
C SER A 230 26.83 -10.51 10.26
N PRO A 231 27.78 -10.22 11.16
CA PRO A 231 27.47 -9.78 12.51
C PRO A 231 26.48 -8.62 12.65
N ASP A 232 26.57 -7.58 11.84
CA ASP A 232 25.59 -6.50 11.86
C ASP A 232 24.14 -6.93 11.51
N ASN A 233 24.00 -8.14 11.01
CA ASN A 233 22.68 -8.61 10.62
C ASN A 233 22.18 -9.77 11.48
N TRP A 234 22.80 -9.95 12.63
CA TRP A 234 22.43 -11.06 13.49
C TRP A 234 21.28 -10.67 14.40
N PHE A 235 20.25 -11.51 14.37
CA PHE A 235 19.09 -11.29 15.21
C PHE A 235 19.27 -12.19 16.42
N ILE A 236 19.51 -11.56 17.58
CA ILE A 236 19.92 -12.29 18.78
C ILE A 236 18.88 -13.34 19.25
N LEU A 237 17.58 -13.11 19.05
CA LEU A 237 16.59 -14.05 19.59
C LEU A 237 16.00 -14.99 18.52
N ALA A 238 16.47 -14.83 17.31
CA ALA A 238 15.96 -15.59 16.17
C ALA A 238 16.29 -17.07 16.29
N GLU A 239 15.30 -17.94 16.13
CA GLU A 239 15.58 -19.38 16.13
C GLU A 239 15.39 -20.04 14.77
N LYS A 240 14.78 -19.33 13.85
CA LYS A 240 14.60 -19.88 12.52
C LYS A 240 15.43 -19.11 11.49
N THR A 241 15.54 -19.65 10.28
CA THR A 241 16.46 -19.06 9.32
C THR A 241 15.80 -18.74 8.00
N TYR A 242 16.48 -17.97 7.16
CA TYR A 242 16.01 -17.79 5.80
C TYR A 242 17.19 -18.07 4.88
N SER A 243 16.87 -18.36 3.62
CA SER A 243 17.91 -18.60 2.62
C SER A 243 18.05 -17.41 1.69
N HIS A 244 16.93 -16.88 1.23
CA HIS A 244 16.90 -15.82 0.23
C HIS A 244 15.55 -15.12 0.20
N THR A 245 15.58 -13.81 -0.04
CA THR A 245 14.36 -13.01 0.04
C THR A 245 14.20 -12.11 -1.19
N LEU A 246 13.06 -12.23 -1.84
CA LEU A 246 12.77 -11.38 -3.01
C LEU A 246 11.62 -10.44 -2.71
N ILE A 247 11.86 -9.14 -2.89
CA ILE A 247 10.80 -8.15 -2.78
C ILE A 247 10.53 -7.57 -4.17
N ASN A 248 9.36 -7.89 -4.71
CA ASN A 248 8.97 -7.45 -6.05
C ASN A 248 10.06 -7.64 -7.08
N GLY A 249 10.71 -8.81 -7.03
CA GLY A 249 11.72 -9.16 -8.00
C GLY A 249 13.15 -8.85 -7.56
N LEU A 250 13.32 -7.92 -6.63
CA LEU A 250 14.65 -7.55 -6.17
C LEU A 250 15.06 -8.21 -4.86
N PRO A 251 16.28 -8.76 -4.82
CA PRO A 251 16.77 -9.39 -3.59
C PRO A 251 17.04 -8.39 -2.48
N LEU A 252 16.67 -8.75 -1.26
CA LEU A 252 17.12 -8.02 -0.08
C LEU A 252 18.48 -8.62 0.28
N PRO A 253 19.56 -7.87 0.04
CA PRO A 253 20.91 -8.43 0.22
C PRO A 253 21.19 -8.65 1.70
N GLU A 254 21.83 -9.77 2.02
CA GLU A 254 22.18 -10.16 3.39
C GLU A 254 22.65 -9.00 4.22
N HIS A 255 23.51 -8.15 3.67
CA HIS A 255 24.17 -7.14 4.50
C HIS A 255 23.28 -5.93 4.85
N TYR A 256 22.12 -5.81 4.22
CA TYR A 256 21.19 -4.74 4.53
C TYR A 256 19.98 -5.23 5.34
N ARG A 257 19.86 -6.54 5.59
CA ARG A 257 18.59 -7.10 6.16
C ARG A 257 18.22 -6.39 7.47
N LYS A 258 19.13 -6.39 8.45
CA LYS A 258 18.81 -5.84 9.75
C LYS A 258 18.47 -4.35 9.67
N ASN A 259 19.18 -3.61 8.84
CA ASN A 259 18.85 -2.20 8.67
C ASN A 259 17.51 -2.00 7.99
N TYR A 260 17.23 -2.83 6.98
CA TYR A 260 15.94 -2.83 6.28
C TYR A 260 14.81 -3.01 7.28
N HIS A 261 14.94 -4.02 8.14
CA HIS A 261 13.99 -4.26 9.22
C HIS A 261 13.83 -3.07 10.18
N ALA A 262 14.96 -2.47 10.54
CA ALA A 262 14.99 -1.34 11.47
C ALA A 262 14.21 -0.16 10.88
N THR A 263 14.43 0.13 9.60
CA THR A 263 13.72 1.19 8.93
C THR A 263 12.21 0.93 8.92
N LEU A 264 11.78 -0.28 8.55
CA LEU A 264 10.36 -0.64 8.64
C LEU A 264 9.82 -0.47 10.06
N ASP A 265 10.59 -0.91 11.04
CA ASP A 265 10.09 -0.94 12.42
C ASP A 265 10.03 0.46 13.04
N ASN A 266 10.88 1.37 12.58
CA ASN A 266 10.94 2.71 13.16
C ASN A 266 10.20 3.83 12.42
N GLU A 267 10.29 3.85 11.08
CA GLU A 267 9.75 4.95 10.29
C GLU A 267 8.47 4.60 9.57
N VAL A 268 8.41 3.38 9.07
CA VAL A 268 7.33 3.03 8.17
C VAL A 268 6.11 2.40 8.88
N ILE A 269 6.33 1.28 9.53
CA ILE A 269 5.23 0.54 10.14
C ILE A 269 5.59 -0.01 11.52
N PRO A 270 5.65 0.86 12.53
CA PRO A 270 5.91 0.45 13.91
C PRO A 270 4.89 -0.54 14.42
N GLY A 271 5.30 -1.37 15.37
CA GLY A 271 4.41 -2.41 15.89
C GLY A 271 4.41 -3.61 14.97
N PRO B 6 -11.43 1.92 -11.44
CA PRO B 6 -10.06 1.60 -10.99
C PRO B 6 -9.86 1.96 -9.52
N VAL B 7 -10.34 1.08 -8.66
CA VAL B 7 -10.25 1.25 -7.21
C VAL B 7 -8.80 1.24 -6.67
N ILE B 8 -8.51 2.15 -5.74
CA ILE B 8 -7.18 2.24 -5.11
C ILE B 8 -6.93 1.01 -4.22
N ARG B 9 -5.75 0.40 -4.32
CA ARG B 9 -5.51 -0.87 -3.60
C ARG B 9 -4.31 -0.82 -2.66
N ALA B 10 -3.59 0.29 -2.67
CA ALA B 10 -2.40 0.46 -1.85
C ALA B 10 -2.20 1.91 -1.43
N PHE B 11 -1.61 2.09 -0.24
CA PHE B 11 -1.36 3.42 0.30
C PHE B 11 -0.04 3.50 1.07
N SER B 12 0.88 4.32 0.56
CA SER B 12 2.23 4.51 1.12
C SER B 12 2.23 4.81 2.60
N GLN B 13 3.14 4.15 3.32
CA GLN B 13 3.32 4.39 4.75
C GLN B 13 4.66 5.09 5.05
N PRO B 14 4.76 5.78 6.20
CA PRO B 14 3.70 6.01 7.19
C PRO B 14 2.70 7.04 6.68
N ALA B 15 1.45 6.88 7.10
CA ALA B 15 0.39 7.78 6.67
C ALA B 15 -0.18 8.55 7.87
N PHE B 16 -0.59 9.80 7.60
CA PHE B 16 -1.17 10.68 8.63
C PHE B 16 -2.40 11.39 8.06
N THR B 17 -3.31 11.76 8.96
CA THR B 17 -4.55 12.40 8.57
C THR B 17 -4.69 13.78 9.20
N TYR B 18 -4.95 14.76 8.36
CA TYR B 18 -5.11 16.13 8.82
C TYR B 18 -6.50 16.66 8.55
N VAL B 19 -6.91 17.62 9.36
CA VAL B 19 -8.12 18.36 9.12
C VAL B 19 -7.81 19.84 9.01
N PHE B 20 -8.12 20.39 7.84
CA PHE B 20 -8.02 21.83 7.60
C PHE B 20 -9.40 22.48 7.74
N LYS B 21 -9.51 23.52 8.58
CA LYS B 21 -10.74 24.30 8.71
C LYS B 21 -10.58 25.65 7.99
N PHE B 22 -11.46 25.94 7.04
CA PHE B 22 -11.45 27.24 6.37
C PHE B 22 -11.69 28.31 7.44
N PRO B 23 -10.71 29.20 7.66
CA PRO B 23 -10.82 30.10 8.82
C PRO B 23 -11.71 31.34 8.65
N TYR B 24 -12.95 31.15 8.23
CA TYR B 24 -13.89 32.27 8.13
C TYR B 24 -15.22 31.81 8.70
N PRO B 25 -15.51 32.21 9.94
CA PRO B 25 -16.70 31.73 10.66
C PRO B 25 -18.01 32.03 9.94
N GLN B 26 -18.10 33.18 9.26
CA GLN B 26 -19.34 33.56 8.60
C GLN B 26 -19.47 32.95 7.20
N TRP B 27 -18.65 31.94 6.90
CA TRP B 27 -18.66 31.35 5.56
C TRP B 27 -20.03 30.83 5.13
N LYS B 28 -20.82 30.30 6.06
CA LYS B 28 -22.16 29.84 5.72
C LYS B 28 -23.05 31.03 5.31
N GLU B 29 -23.06 32.07 6.13
CA GLU B 29 -23.91 33.25 5.90
C GLU B 29 -23.54 33.96 4.61
N LYS B 30 -22.28 33.90 4.24
CA LYS B 30 -21.78 34.70 3.13
C LYS B 30 -21.12 33.83 2.09
N GLU B 31 -21.76 32.70 1.78
CA GLU B 31 -21.14 31.69 0.94
C GLU B 31 -20.93 32.16 -0.49
N TRP B 32 -21.86 32.99 -0.98
CA TRP B 32 -21.77 33.50 -2.35
C TRP B 32 -20.45 34.27 -2.59
N LEU B 33 -19.95 34.93 -1.55
CA LEU B 33 -18.61 35.50 -1.62
C LEU B 33 -17.56 34.43 -1.98
N LEU B 34 -17.72 33.23 -1.45
CA LEU B 34 -16.77 32.16 -1.76
C LEU B 34 -16.88 31.70 -3.21
N HIS B 35 -18.09 31.78 -3.76
CA HIS B 35 -18.35 31.45 -5.16
C HIS B 35 -17.50 32.30 -6.08
N ALA B 36 -17.44 33.60 -5.81
CA ALA B 36 -16.73 34.54 -6.66
C ALA B 36 -15.23 34.41 -6.43
N LEU B 37 -14.83 34.33 -5.16
CA LEU B 37 -13.42 34.23 -4.81
C LEU B 37 -12.74 32.95 -5.31
N LEU B 38 -13.42 31.80 -5.17
CA LEU B 38 -12.80 30.51 -5.51
C LEU B 38 -13.25 29.91 -6.83
N ALA B 39 -14.43 30.28 -7.28
CA ALA B 39 -15.04 29.61 -8.42
C ALA B 39 -15.69 30.61 -9.33
N HIS B 40 -14.93 31.67 -9.65
CA HIS B 40 -15.44 32.72 -10.51
C HIS B 40 -15.86 32.05 -11.81
N GLY B 41 -17.08 32.36 -12.24
CA GLY B 41 -17.68 31.70 -13.39
C GLY B 41 -18.85 30.79 -13.03
N THR B 42 -19.11 30.61 -11.74
CA THR B 42 -20.15 29.67 -11.31
C THR B 42 -21.22 30.34 -10.46
N GLU B 43 -21.04 31.64 -10.17
CA GLU B 43 -21.85 32.27 -9.13
C GLU B 43 -23.30 32.23 -9.48
N GLN B 44 -23.58 32.33 -10.78
CA GLN B 44 -24.94 32.29 -11.30
C GLN B 44 -25.51 30.87 -11.25
N SER B 45 -24.69 29.90 -11.66
CA SER B 45 -25.07 28.49 -11.57
C SER B 45 -25.44 28.09 -10.15
N MET B 46 -24.64 28.54 -9.17
CA MET B 46 -24.90 28.30 -7.75
C MET B 46 -26.26 28.86 -7.32
N ILE B 47 -26.62 30.03 -7.85
CA ILE B 47 -27.92 30.63 -7.57
C ILE B 47 -29.05 29.76 -8.16
N GLN B 48 -28.85 29.35 -9.40
CA GLN B 48 -29.80 28.51 -10.10
C GLN B 48 -30.04 27.22 -9.33
N LEU B 49 -29.00 26.75 -8.64
CA LEU B 49 -29.06 25.50 -7.90
C LEU B 49 -30.12 25.48 -6.79
N ARG B 50 -30.35 26.64 -6.15
CA ARG B 50 -31.34 26.74 -5.07
C ARG B 50 -32.74 26.25 -5.46
N ASN B 51 -33.08 26.36 -6.74
CA ASN B 51 -34.45 26.10 -7.19
C ASN B 51 -34.68 24.70 -7.76
N CYS B 52 -33.69 23.82 -7.59
CA CYS B 52 -33.75 22.49 -8.20
C CYS B 52 -34.56 21.47 -7.38
N ALA B 53 -35.22 20.56 -8.09
CA ALA B 53 -36.01 19.52 -7.42
C ALA B 53 -35.14 18.40 -6.87
N PRO B 54 -35.36 18.02 -5.59
CA PRO B 54 -34.62 16.87 -5.05
C PRO B 54 -34.94 15.63 -5.87
N HIS B 55 -34.00 14.69 -5.95
CA HIS B 55 -34.25 13.39 -6.55
C HIS B 55 -35.32 12.63 -5.79
N PRO B 56 -36.04 11.73 -6.47
CA PRO B 56 -35.82 11.31 -7.86
C PRO B 56 -36.74 12.02 -8.86
N ASP B 57 -37.36 13.14 -8.45
CA ASP B 57 -38.16 13.93 -9.38
C ASP B 57 -37.31 14.26 -10.59
N GLU B 58 -37.89 14.13 -11.78
CA GLU B 58 -37.20 14.54 -12.97
C GLU B 58 -37.07 16.06 -12.95
N ASP B 59 -35.89 16.53 -13.33
CA ASP B 59 -35.57 17.95 -13.40
C ASP B 59 -34.40 18.05 -14.37
N ILE B 60 -34.68 18.39 -15.62
CA ILE B 60 -33.64 18.40 -16.66
C ILE B 60 -32.67 19.56 -16.43
N ILE B 61 -33.21 20.67 -15.89
CA ILE B 61 -32.42 21.85 -15.54
C ILE B 61 -31.33 21.49 -14.54
N ARG B 62 -31.74 20.86 -13.44
CA ARG B 62 -30.82 20.35 -12.43
C ARG B 62 -29.71 19.48 -13.00
N ASP B 63 -30.07 18.50 -13.83
CA ASP B 63 -29.10 17.54 -14.34
C ASP B 63 -27.98 18.21 -15.13
N ASP B 64 -28.37 19.15 -15.99
CA ASP B 64 -27.40 19.88 -16.80
C ASP B 64 -26.58 20.75 -15.86
N LEU B 65 -27.28 21.43 -14.95
CA LEU B 65 -26.64 22.28 -13.93
C LEU B 65 -25.50 21.57 -13.19
N LEU B 66 -25.78 20.37 -12.66
CA LEU B 66 -24.76 19.62 -11.92
C LEU B 66 -23.62 19.16 -12.82
N ILE B 67 -23.96 18.68 -14.02
CA ILE B 67 -22.92 18.29 -14.99
C ILE B 67 -21.96 19.45 -15.26
N SER B 68 -22.49 20.67 -15.28
CA SER B 68 -21.72 21.89 -15.58
C SER B 68 -20.93 22.39 -14.37
N LEU B 69 -21.38 22.05 -13.18
CA LEU B 69 -20.68 22.48 -11.97
C LEU B 69 -19.54 21.52 -11.69
N GLU B 70 -19.48 20.44 -12.47
CA GLU B 70 -18.49 19.38 -12.29
C GLU B 70 -17.05 19.90 -12.17
N ASP B 71 -16.43 19.64 -11.04
CA ASP B 71 -15.01 19.96 -10.81
C ASP B 71 -14.75 21.47 -10.80
N ARG B 72 -15.80 22.28 -10.80
CA ARG B 72 -15.65 23.72 -10.96
C ARG B 72 -16.20 24.49 -9.78
N HIS B 73 -17.06 23.85 -8.99
CA HIS B 73 -17.70 24.52 -7.86
C HIS B 73 -16.69 24.72 -6.72
N PHE B 74 -16.99 25.64 -5.81
CA PHE B 74 -15.99 26.17 -4.90
C PHE B 74 -15.40 25.09 -3.98
N GLY B 75 -16.22 24.13 -3.57
CA GLY B 75 -15.73 23.01 -2.76
C GLY B 75 -14.73 22.16 -3.51
N ALA B 76 -15.00 21.97 -4.80
CA ALA B 76 -14.11 21.21 -5.67
C ALA B 76 -12.77 21.95 -5.88
N VAL B 77 -12.83 23.27 -5.98
CA VAL B 77 -11.62 24.10 -6.10
C VAL B 77 -10.80 24.07 -4.82
N LEU B 78 -11.50 24.25 -3.70
CA LEU B 78 -10.88 24.19 -2.40
C LEU B 78 -10.10 22.87 -2.23
N CYS B 79 -10.76 21.79 -2.65
CA CYS B 79 -10.17 20.47 -2.56
C CYS B 79 -8.91 20.37 -3.42
N LYS B 80 -8.95 20.92 -4.64
CA LYS B 80 -7.76 20.93 -5.48
C LYS B 80 -6.64 21.76 -4.85
N ALA B 81 -7.01 22.88 -4.24
CA ALA B 81 -6.04 23.74 -3.61
C ALA B 81 -5.27 22.98 -2.55
N VAL B 82 -6.02 22.36 -1.65
CA VAL B 82 -5.45 21.56 -0.59
C VAL B 82 -4.60 20.39 -1.13
N TYR B 83 -5.06 19.74 -2.20
CA TYR B 83 -4.25 18.70 -2.83
C TYR B 83 -2.88 19.22 -3.32
N MET B 84 -2.90 20.28 -4.13
CA MET B 84 -1.64 20.89 -4.57
C MET B 84 -0.71 21.25 -3.42
N ALA B 85 -1.27 21.87 -2.39
CA ALA B 85 -0.51 22.19 -1.20
C ALA B 85 0.07 20.92 -0.57
N THR B 86 -0.69 19.83 -0.56
CA THR B 86 -0.16 18.60 0.06
C THR B 86 1.03 18.06 -0.73
N THR B 87 0.92 18.12 -2.05
CA THR B 87 2.00 17.79 -2.96
C THR B 87 3.24 18.63 -2.66
N THR B 88 3.04 19.95 -2.58
CA THR B 88 4.13 20.86 -2.24
C THR B 88 4.79 20.47 -0.91
N LEU B 89 3.95 20.13 0.07
CA LEU B 89 4.46 19.70 1.36
C LEU B 89 5.41 18.52 1.21
N MET B 90 4.96 17.48 0.50
CA MET B 90 5.77 16.27 0.37
C MET B 90 7.08 16.49 -0.43
N SER B 91 7.00 17.32 -1.46
CA SER B 91 8.19 17.70 -2.23
C SER B 91 9.26 18.31 -1.30
N HIS B 92 8.84 19.17 -0.37
CA HIS B 92 9.77 19.68 0.62
C HIS B 92 10.32 18.55 1.51
N LYS B 93 9.46 17.71 2.05
CA LYS B 93 9.91 16.64 2.93
C LYS B 93 10.88 15.68 2.24
N GLN B 94 10.69 15.48 0.94
CA GLN B 94 11.49 14.53 0.18
C GLN B 94 12.60 15.18 -0.66
N ARG B 95 12.69 16.51 -0.60
CA ARG B 95 13.63 17.27 -1.41
C ARG B 95 13.56 16.76 -2.85
N ASN B 96 12.37 16.80 -3.43
CA ASN B 96 12.13 16.23 -4.74
C ASN B 96 10.96 16.94 -5.42
N MET B 97 11.12 17.29 -6.69
CA MET B 97 10.06 17.97 -7.41
C MET B 97 8.89 17.04 -7.76
N PHE B 98 9.14 15.74 -7.72
CA PHE B 98 8.10 14.77 -8.03
C PHE B 98 8.03 13.72 -6.93
N PRO B 99 7.40 14.09 -5.80
CA PRO B 99 7.45 13.24 -4.60
C PRO B 99 6.74 11.90 -4.78
N ARG B 100 7.27 10.86 -4.15
CA ARG B 100 6.61 9.56 -4.14
C ARG B 100 5.77 9.48 -2.88
N CYS B 101 4.46 9.59 -3.04
CA CYS B 101 3.54 9.58 -1.92
C CYS B 101 2.12 9.23 -2.39
N ASP B 102 1.25 8.86 -1.45
CA ASP B 102 -0.17 8.75 -1.74
C ASP B 102 -0.95 9.82 -0.96
N ILE B 103 -1.91 10.44 -1.63
CA ILE B 103 -2.70 11.54 -1.05
C ILE B 103 -4.17 11.40 -1.41
N ILE B 104 -5.02 11.45 -0.40
CA ILE B 104 -6.46 11.62 -0.61
C ILE B 104 -6.92 12.95 0.01
N VAL B 105 -7.76 13.70 -0.67
CA VAL B 105 -8.29 14.94 -0.12
C VAL B 105 -9.79 14.98 -0.28
N GLN B 106 -10.48 15.39 0.78
CA GLN B 106 -11.91 15.55 0.66
C GLN B 106 -12.43 16.81 1.34
N SER B 107 -13.13 17.65 0.57
CA SER B 107 -13.75 18.84 1.11
C SER B 107 -15.16 18.52 1.56
N GLU B 108 -15.60 19.21 2.61
CA GLU B 108 -16.92 19.00 3.19
C GLU B 108 -17.54 20.28 3.71
N LEU B 109 -18.79 20.50 3.33
CA LEU B 109 -19.55 21.58 3.90
C LEU B 109 -20.24 21.10 5.15
N GLY B 110 -19.66 21.39 6.32
CA GLY B 110 -20.22 20.92 7.58
C GLY B 110 -21.35 21.77 8.13
N GLU B 111 -21.95 21.28 9.23
CA GLU B 111 -22.95 22.06 9.95
C GLU B 111 -22.29 23.36 10.39
N LYS B 112 -21.07 23.25 10.88
CA LYS B 112 -20.35 24.40 11.39
C LYS B 112 -19.15 24.77 10.51
N ASN B 113 -18.32 23.79 10.17
CA ASN B 113 -17.07 24.12 9.49
C ASN B 113 -17.01 23.71 8.03
N LEU B 114 -16.38 24.58 7.23
CA LEU B 114 -15.99 24.23 5.87
C LEU B 114 -14.60 23.62 5.96
N HIS B 115 -14.49 22.30 5.85
CA HIS B 115 -13.18 21.69 6.03
C HIS B 115 -12.73 20.73 4.95
N CYS B 116 -11.44 20.44 4.98
CA CYS B 116 -10.84 19.39 4.17
C CYS B 116 -10.16 18.38 5.04
N HIS B 117 -10.32 17.11 4.67
CA HIS B 117 -9.55 16.04 5.25
C HIS B 117 -8.46 15.66 4.28
N ILE B 118 -7.27 15.47 4.81
CA ILE B 118 -6.15 15.02 4.01
C ILE B 118 -5.57 13.74 4.60
N ILE B 119 -5.51 12.69 3.79
CA ILE B 119 -4.74 11.53 4.17
C ILE B 119 -3.49 11.53 3.29
N VAL B 120 -2.33 11.57 3.93
CA VAL B 120 -1.11 11.60 3.16
C VAL B 120 -0.07 10.63 3.77
N GLY B 121 0.67 9.95 2.91
CA GLY B 121 1.62 8.94 3.35
C GLY B 121 2.82 8.82 2.43
N GLY B 122 3.99 8.49 2.99
CA GLY B 122 5.19 8.36 2.20
C GLY B 122 6.48 8.81 2.87
N GLU B 123 7.59 8.62 2.17
CA GLU B 123 8.91 8.98 2.67
C GLU B 123 8.97 10.47 3.00
N GLY B 124 9.65 10.82 4.09
CA GLY B 124 9.72 12.20 4.51
C GLY B 124 8.81 12.51 5.70
N LEU B 125 7.82 11.66 5.96
CA LEU B 125 6.94 11.83 7.12
C LEU B 125 7.34 10.90 8.27
N SER B 126 7.08 11.33 9.50
CA SER B 126 7.35 10.52 10.70
C SER B 126 6.40 11.00 11.76
N LYS B 127 6.26 10.29 12.88
CA LYS B 127 5.42 10.80 13.97
C LYS B 127 5.85 12.19 14.42
N ARG B 128 7.17 12.42 14.47
CA ARG B 128 7.71 13.68 14.98
C ARG B 128 7.42 14.89 14.10
N ASN B 129 7.59 14.72 12.78
CA ASN B 129 7.46 15.90 11.95
C ASN B 129 6.04 16.09 11.44
N ALA B 130 5.24 15.02 11.51
CA ALA B 130 3.85 15.11 11.10
C ALA B 130 3.11 16.08 12.01
N LYS B 131 3.30 15.94 13.32
CA LYS B 131 2.64 16.85 14.26
C LYS B 131 3.17 18.26 14.07
N SER B 132 4.49 18.35 13.98
CA SER B 132 5.14 19.64 13.93
C SER B 132 4.95 20.37 12.62
N SER B 133 4.50 19.68 11.57
CA SER B 133 4.33 20.33 10.26
C SER B 133 2.98 21.02 10.05
N CYS B 134 2.10 20.93 11.04
CA CYS B 134 0.76 21.52 10.94
C CYS B 134 0.75 22.98 10.43
N ALA B 135 1.52 23.85 11.07
CA ALA B 135 1.53 25.26 10.69
C ALA B 135 2.08 25.47 9.28
N GLN B 136 3.15 24.75 8.98
CA GLN B 136 3.75 24.82 7.65
C GLN B 136 2.73 24.37 6.61
N PHE B 137 2.05 23.26 6.92
CA PHE B 137 1.05 22.69 6.01
C PHE B 137 -0.07 23.71 5.79
N TYR B 138 -0.55 24.25 6.91
CA TYR B 138 -1.59 25.28 6.93
C TYR B 138 -1.20 26.44 6.03
N GLY B 139 0.06 26.85 6.11
CA GLY B 139 0.54 28.00 5.37
C GLY B 139 0.57 27.70 3.89
N LEU B 140 0.98 26.48 3.56
CA LEU B 140 0.96 26.07 2.15
C LEU B 140 -0.48 26.08 1.59
N ILE B 141 -1.43 25.59 2.38
CA ILE B 141 -2.80 25.52 1.93
C ILE B 141 -3.33 26.93 1.70
N LEU B 142 -3.10 27.79 2.69
CA LEU B 142 -3.56 29.18 2.61
C LEU B 142 -2.96 29.88 1.40
N ALA B 143 -1.67 29.62 1.12
CA ALA B 143 -1.05 30.24 -0.04
C ALA B 143 -1.77 29.88 -1.35
N GLU B 144 -2.11 28.61 -1.51
CA GLU B 144 -2.83 28.14 -2.69
C GLU B 144 -4.21 28.79 -2.82
N ILE B 145 -4.93 28.84 -1.69
CA ILE B 145 -6.25 29.46 -1.65
C ILE B 145 -6.15 30.95 -2.00
N ILE B 146 -5.22 31.66 -1.36
CA ILE B 146 -4.99 33.07 -1.62
C ILE B 146 -4.70 33.28 -3.10
N GLN B 147 -3.88 32.38 -3.66
CA GLN B 147 -3.53 32.43 -5.06
C GLN B 147 -4.77 32.36 -5.96
N ARG B 148 -5.68 31.46 -5.60
CA ARG B 148 -6.89 31.24 -6.39
C ARG B 148 -7.81 32.48 -6.34
N CYS B 149 -7.91 33.10 -5.16
CA CYS B 149 -8.67 34.33 -4.94
C CYS B 149 -8.20 35.44 -5.88
N LYS B 150 -6.90 35.48 -6.18
CA LYS B 150 -6.36 36.55 -7.01
C LYS B 150 -6.84 36.46 -8.44
N SER B 151 -7.24 35.27 -8.89
CA SER B 151 -7.68 35.13 -10.27
C SER B 151 -8.90 35.98 -10.60
N LEU B 152 -9.77 36.19 -9.61
CA LEU B 152 -10.89 37.10 -9.75
C LEU B 152 -10.43 38.49 -10.16
N LEU B 153 -9.25 38.91 -9.69
CA LEU B 153 -8.74 40.27 -9.94
C LEU B 153 -8.52 40.54 -11.42
N ALA B 154 -8.39 39.48 -12.20
CA ALA B 154 -8.23 39.64 -13.64
C ALA B 154 -9.49 40.20 -14.28
N THR B 155 -10.62 40.09 -13.57
CA THR B 155 -11.91 40.49 -14.10
C THR B 155 -12.36 41.81 -13.47
N ARG B 156 -12.09 41.96 -12.18
CA ARG B 156 -12.48 43.15 -11.44
C ARG B 156 -11.77 43.19 -10.10
N PRO B 157 -11.71 44.37 -9.46
CA PRO B 157 -11.15 44.41 -8.11
C PRO B 157 -12.07 43.70 -7.10
N PHE B 158 -11.57 43.43 -5.90
CA PHE B 158 -12.39 42.86 -4.83
C PHE B 158 -13.45 43.87 -4.40
N GLU B 159 -14.64 43.39 -4.10
CA GLU B 159 -15.60 44.18 -3.35
C GLU B 159 -15.12 44.11 -1.90
N PRO B 160 -15.53 45.07 -1.07
CA PRO B 160 -15.06 45.09 0.33
C PRO B 160 -15.39 43.79 1.07
N GLU B 161 -16.61 43.30 0.92
CA GLU B 161 -17.03 42.05 1.55
C GLU B 161 -16.14 40.88 1.14
N GLU B 162 -15.78 40.84 -0.13
CA GLU B 162 -14.86 39.80 -0.63
C GLU B 162 -13.48 39.97 -0.01
N ALA B 163 -13.05 41.23 0.11
CA ALA B 163 -11.71 41.51 0.60
C ALA B 163 -11.57 41.09 2.07
N ASP B 164 -12.66 41.18 2.81
CA ASP B 164 -12.66 40.84 4.22
C ASP B 164 -12.22 39.38 4.40
N ILE B 165 -12.77 38.50 3.57
CA ILE B 165 -12.37 37.10 3.55
C ILE B 165 -10.90 36.94 3.14
N PHE B 166 -10.52 37.65 2.09
CA PHE B 166 -9.16 37.57 1.54
C PHE B 166 -8.11 37.89 2.60
N HIS B 167 -8.37 38.90 3.41
CA HIS B 167 -7.39 39.28 4.40
C HIS B 167 -7.43 38.43 5.65
N THR B 168 -8.59 37.86 5.96
CA THR B 168 -8.66 36.88 7.01
C THR B 168 -7.71 35.75 6.66
N LEU B 169 -7.72 35.34 5.40
CA LEU B 169 -6.78 34.33 4.91
C LEU B 169 -5.32 34.77 5.01
N LYS B 170 -5.01 36.00 4.58
CA LYS B 170 -3.63 36.50 4.61
C LYS B 170 -3.11 36.63 6.03
N LYS B 171 -4.00 37.02 6.94
CA LYS B 171 -3.65 37.12 8.35
C LYS B 171 -3.37 35.74 8.93
N ALA B 172 -4.24 34.77 8.64
CA ALA B 172 -4.05 33.39 9.05
C ALA B 172 -2.73 32.85 8.51
N GLU B 173 -2.40 33.23 7.28
CA GLU B 173 -1.16 32.78 6.66
C GLU B 173 0.04 33.36 7.40
N ARG B 174 -0.06 34.63 7.79
CA ARG B 174 1.04 35.26 8.49
C ARG B 174 1.24 34.56 9.83
N GLU B 175 0.13 34.31 10.52
CA GLU B 175 0.17 33.63 11.80
C GLU B 175 0.72 32.21 11.64
N ALA B 176 0.44 31.58 10.49
CA ALA B 176 0.94 30.23 10.21
C ALA B 176 2.47 30.21 10.14
N TRP B 177 3.04 31.21 9.49
CA TRP B 177 4.49 31.34 9.37
C TRP B 177 5.12 31.52 10.76
N GLY B 178 4.35 31.96 11.73
CA GLY B 178 4.84 32.05 13.09
C GLY B 178 4.44 30.85 13.94
N GLY B 179 3.98 29.78 13.28
CA GLY B 179 3.64 28.54 13.96
C GLY B 179 2.31 28.45 14.71
N VAL B 180 1.42 29.42 14.48
CA VAL B 180 0.07 29.38 15.03
C VAL B 180 -0.94 28.98 13.96
N THR B 181 -1.84 28.08 14.31
CA THR B 181 -2.85 27.64 13.34
C THR B 181 -4.24 27.99 13.80
N GLY B 182 -4.38 28.37 15.07
CA GLY B 182 -5.67 28.67 15.63
C GLY B 182 -6.59 27.45 15.69
N GLY B 183 -6.02 26.27 15.55
CA GLY B 183 -6.83 25.06 15.53
C GLY B 183 -7.41 24.76 14.17
N ASN B 184 -7.06 25.58 13.18
CA ASN B 184 -7.61 25.43 11.83
C ASN B 184 -6.80 24.45 10.97
N MET B 185 -5.73 23.91 11.54
CA MET B 185 -4.96 22.84 10.93
C MET B 185 -4.52 21.89 12.03
N GLN B 186 -5.07 20.68 12.01
CA GLN B 186 -4.78 19.71 13.06
C GLN B 186 -4.47 18.35 12.49
N ILE B 187 -3.62 17.59 13.17
CA ILE B 187 -3.40 16.21 12.81
C ILE B 187 -4.39 15.36 13.60
N LEU B 188 -4.96 14.32 12.99
CA LEU B 188 -5.80 13.43 13.78
C LEU B 188 -4.99 12.46 14.62
N GLN B 189 -5.32 12.45 15.90
CA GLN B 189 -4.70 11.55 16.84
C GLN B 189 -5.78 10.81 17.64
N TYR B 190 -5.44 9.68 18.23
CA TYR B 190 -6.39 9.10 19.15
C TYR B 190 -5.74 8.76 20.47
N ARG B 191 -6.54 8.65 21.53
CA ARG B 191 -6.03 8.18 22.81
C ARG B 191 -6.50 6.76 23.10
N ASP B 192 -5.54 5.92 23.50
CA ASP B 192 -5.81 4.55 23.96
C ASP B 192 -6.27 4.49 25.42
N ARG B 193 -6.46 3.28 25.94
CA ARG B 193 -6.92 3.08 27.31
C ARG B 193 -6.06 3.84 28.35
N ARG B 194 -4.74 3.72 28.19
CA ARG B 194 -3.77 4.33 29.11
C ARG B 194 -3.69 5.84 29.03
N GLY B 195 -4.25 6.43 27.97
CA GLY B 195 -4.25 7.86 27.75
C GLY B 195 -3.12 8.38 26.86
N ASP B 196 -2.48 7.47 26.13
CA ASP B 196 -1.41 7.80 25.19
C ASP B 196 -2.01 8.28 23.87
N LEU B 197 -1.37 9.26 23.24
CA LEU B 197 -1.83 9.73 21.93
C LEU B 197 -1.10 8.97 20.82
N HIS B 198 -1.82 8.59 19.75
CA HIS B 198 -1.23 7.96 18.58
C HIS B 198 -1.63 8.76 17.33
N ALA B 199 -0.66 9.07 16.44
CA ALA B 199 -0.90 9.96 15.29
C ALA B 199 -0.78 9.34 13.91
N GLN B 200 -0.18 8.17 13.82
CA GLN B 200 -0.06 7.52 12.53
C GLN B 200 -1.37 6.85 12.17
N THR B 201 -1.82 7.05 10.93
CA THR B 201 -3.00 6.36 10.45
C THR B 201 -2.59 4.97 9.98
N VAL B 202 -2.78 3.98 10.84
CA VAL B 202 -2.36 2.61 10.55
C VAL B 202 -3.01 2.07 9.27
N ASP B 203 -4.31 2.33 9.11
CA ASP B 203 -5.05 1.78 7.98
C ASP B 203 -5.71 2.89 7.16
N PRO B 204 -4.92 3.62 6.36
CA PRO B 204 -5.49 4.74 5.61
C PRO B 204 -6.66 4.34 4.68
N LEU B 205 -6.54 3.24 3.96
CA LEU B 205 -7.65 2.80 3.09
C LEU B 205 -8.95 2.54 3.88
N ARG B 206 -8.86 1.89 5.04
CA ARG B 206 -10.05 1.65 5.83
C ARG B 206 -10.61 2.94 6.40
N PHE B 207 -9.72 3.89 6.68
CA PHE B 207 -10.18 5.17 7.19
C PHE B 207 -10.95 5.88 6.07
N PHE B 208 -10.40 5.83 4.87
CA PHE B 208 -11.08 6.33 3.69
C PHE B 208 -12.44 5.67 3.46
N LYS B 209 -12.45 4.33 3.42
CA LYS B 209 -13.63 3.55 3.07
C LYS B 209 -14.75 3.72 4.09
N ASN B 210 -14.38 3.74 5.37
CA ASN B 210 -15.37 3.76 6.45
C ASN B 210 -15.78 5.15 6.97
N TYR B 211 -14.92 6.14 6.79
CA TYR B 211 -15.16 7.50 7.31
C TYR B 211 -15.34 8.57 6.22
N LEU B 212 -14.61 8.48 5.12
CA LEU B 212 -14.74 9.49 4.08
C LEU B 212 -15.75 9.13 2.97
N LEU B 213 -15.71 7.87 2.51
CA LEU B 213 -16.58 7.43 1.42
C LEU B 213 -18.10 7.42 1.65
N PRO B 214 -18.57 6.89 2.80
CA PRO B 214 -20.03 6.70 2.88
C PRO B 214 -20.76 7.98 3.25
N LYS B 215 -20.66 8.97 2.36
CA LYS B 215 -21.39 10.22 2.55
C LYS B 215 -22.14 10.57 1.28
N ASN B 216 -23.17 11.40 1.43
CA ASN B 216 -23.85 11.96 0.29
C ASN B 216 -23.22 13.30 -0.10
N ARG B 217 -23.34 13.68 -1.37
CA ARG B 217 -22.79 14.95 -1.83
C ARG B 217 -23.71 16.12 -1.56
N CYS B 218 -23.11 17.23 -1.16
CA CYS B 218 -23.78 18.52 -1.06
C CYS B 218 -22.78 19.62 -1.38
N ILE B 219 -23.00 20.36 -2.46
CA ILE B 219 -22.01 21.35 -2.91
C ILE B 219 -22.27 22.79 -2.48
N SER B 220 -23.36 23.01 -1.74
CA SER B 220 -23.67 24.36 -1.23
C SER B 220 -24.54 24.35 0.02
N SER B 221 -24.28 25.30 0.93
CA SER B 221 -25.15 25.55 2.08
C SER B 221 -26.56 25.86 1.62
N TYR B 222 -26.68 26.29 0.38
CA TYR B 222 -27.98 26.68 -0.14
C TYR B 222 -28.57 25.58 -1.02
N SER B 223 -28.10 24.36 -0.82
CA SER B 223 -28.62 23.21 -1.55
C SER B 223 -28.88 22.01 -0.61
N LYS B 224 -29.27 20.89 -1.21
CA LYS B 224 -29.64 19.70 -0.43
C LYS B 224 -28.94 18.46 -0.98
N PRO B 225 -28.60 17.52 -0.09
CA PRO B 225 -27.92 16.29 -0.52
C PRO B 225 -28.72 15.51 -1.54
N ASP B 226 -30.06 15.50 -1.40
CA ASP B 226 -30.89 14.75 -2.35
C ASP B 226 -30.96 15.40 -3.72
N VAL B 227 -30.52 16.65 -3.81
CA VAL B 227 -30.31 17.29 -5.11
C VAL B 227 -28.95 16.92 -5.70
N CYS B 228 -27.91 17.03 -4.88
CA CYS B 228 -26.54 16.91 -5.36
C CYS B 228 -26.07 15.46 -5.53
N THR B 229 -26.79 14.53 -4.91
CA THR B 229 -26.39 13.12 -4.95
C THR B 229 -27.35 12.37 -5.86
N SER B 230 -26.84 11.64 -6.85
CA SER B 230 -27.72 10.85 -7.70
C SER B 230 -28.14 9.58 -6.96
N PRO B 231 -29.39 9.11 -7.16
CA PRO B 231 -29.98 8.04 -6.33
C PRO B 231 -29.17 6.75 -6.20
N ASP B 232 -28.56 6.27 -7.28
CA ASP B 232 -27.72 5.08 -7.18
C ASP B 232 -26.49 5.24 -6.26
N ASN B 233 -26.16 6.47 -5.87
CA ASN B 233 -25.02 6.72 -5.00
C ASN B 233 -25.44 7.27 -3.64
N TRP B 234 -26.69 7.04 -3.27
CA TRP B 234 -27.24 7.54 -2.00
C TRP B 234 -26.93 6.59 -0.85
N PHE B 235 -26.33 7.15 0.19
CA PHE B 235 -26.00 6.36 1.37
C PHE B 235 -27.12 6.54 2.35
N ILE B 236 -27.84 5.46 2.56
CA ILE B 236 -29.08 5.49 3.30
C ILE B 236 -28.90 6.00 4.74
N LEU B 237 -27.73 5.75 5.32
CA LEU B 237 -27.55 6.08 6.72
C LEU B 237 -26.67 7.29 7.00
N ALA B 238 -26.20 7.92 5.92
CA ALA B 238 -25.21 9.00 6.01
C ALA B 238 -25.73 10.22 6.75
N GLU B 239 -24.98 10.69 7.73
CA GLU B 239 -25.36 11.87 8.51
C GLU B 239 -24.50 13.07 8.12
N LYS B 240 -23.42 12.78 7.41
CA LYS B 240 -22.51 13.81 6.94
C LYS B 240 -22.45 13.84 5.43
N THR B 241 -21.86 14.92 4.91
CA THR B 241 -21.80 15.12 3.47
C THR B 241 -20.38 15.42 3.04
N TYR B 242 -20.15 15.32 1.73
CA TYR B 242 -18.90 15.77 1.16
C TYR B 242 -19.20 16.68 0.00
N SER B 243 -18.21 17.44 -0.43
CA SER B 243 -18.35 18.29 -1.61
C SER B 243 -17.59 17.69 -2.80
N HIS B 244 -16.37 17.22 -2.55
CA HIS B 244 -15.48 16.75 -3.62
C HIS B 244 -14.37 15.89 -3.09
N THR B 245 -13.97 14.88 -3.86
CA THR B 245 -12.97 13.91 -3.40
C THR B 245 -11.88 13.69 -4.42
N LEU B 246 -10.64 13.88 -4.01
CA LEU B 246 -9.49 13.66 -4.88
C LEU B 246 -8.68 12.46 -4.41
N ILE B 247 -8.50 11.49 -5.28
CA ILE B 247 -7.65 10.36 -4.97
C ILE B 247 -6.40 10.47 -5.82
N ASN B 248 -5.27 10.75 -5.17
CA ASN B 248 -4.01 10.97 -5.86
C ASN B 248 -4.13 11.85 -7.11
N GLY B 249 -4.90 12.93 -6.99
CA GLY B 249 -5.02 13.88 -8.08
C GLY B 249 -6.24 13.71 -8.98
N LEU B 250 -6.81 12.52 -9.03
CA LEU B 250 -7.99 12.30 -9.86
C LEU B 250 -9.26 12.34 -9.03
N PRO B 251 -10.28 13.06 -9.51
CA PRO B 251 -11.56 13.15 -8.80
C PRO B 251 -12.29 11.82 -8.83
N LEU B 252 -12.91 11.46 -7.72
CA LEU B 252 -13.85 10.36 -7.69
C LEU B 252 -15.21 10.92 -8.10
N PRO B 253 -15.65 10.60 -9.33
CA PRO B 253 -16.89 11.18 -9.86
C PRO B 253 -18.11 10.69 -9.08
N GLU B 254 -19.01 11.63 -8.79
CA GLU B 254 -20.24 11.38 -8.03
C GLU B 254 -20.91 10.06 -8.36
N HIS B 255 -20.99 9.75 -9.66
CA HIS B 255 -21.78 8.61 -10.14
C HIS B 255 -21.11 7.25 -9.96
N TYR B 256 -19.84 7.25 -9.57
CA TYR B 256 -19.17 5.99 -9.28
C TYR B 256 -18.97 5.78 -7.79
N ARG B 257 -19.31 6.79 -6.97
CA ARG B 257 -18.91 6.77 -5.55
C ARG B 257 -19.33 5.50 -4.78
N LYS B 258 -20.62 5.19 -4.77
CA LYS B 258 -21.11 4.04 -4.00
C LYS B 258 -20.53 2.71 -4.50
N ASN B 259 -20.41 2.58 -5.82
CA ASN B 259 -19.82 1.39 -6.39
C ASN B 259 -18.34 1.27 -6.02
N TYR B 260 -17.64 2.40 -6.03
CA TYR B 260 -16.27 2.49 -5.55
C TYR B 260 -16.19 1.99 -4.11
N HIS B 261 -17.10 2.47 -3.26
CA HIS B 261 -17.14 2.01 -1.87
C HIS B 261 -17.37 0.52 -1.80
N ALA B 262 -18.29 0.04 -2.63
CA ALA B 262 -18.68 -1.37 -2.61
C ALA B 262 -17.52 -2.26 -2.96
N THR B 263 -16.78 -1.87 -4.00
CA THR B 263 -15.63 -2.64 -4.42
C THR B 263 -14.56 -2.76 -3.32
N LEU B 264 -14.22 -1.62 -2.67
CA LEU B 264 -13.36 -1.65 -1.50
C LEU B 264 -13.90 -2.55 -0.39
N ASP B 265 -15.20 -2.46 -0.13
CA ASP B 265 -15.79 -3.16 1.00
C ASP B 265 -15.93 -4.67 0.78
N ASN B 266 -16.08 -5.09 -0.48
CA ASN B 266 -16.27 -6.53 -0.73
C ASN B 266 -15.00 -7.30 -1.14
N GLU B 267 -14.13 -6.75 -2.01
CA GLU B 267 -12.96 -7.51 -2.45
C GLU B 267 -11.64 -7.11 -1.80
N VAL B 268 -11.47 -5.81 -1.59
CA VAL B 268 -10.17 -5.24 -1.26
C VAL B 268 -9.88 -5.20 0.24
N ILE B 269 -10.73 -4.47 0.96
CA ILE B 269 -10.52 -4.28 2.38
C ILE B 269 -11.83 -4.43 3.12
N PRO B 270 -12.31 -5.67 3.25
CA PRO B 270 -13.56 -5.92 3.98
C PRO B 270 -13.40 -5.45 5.41
N GLY B 271 -14.49 -5.04 6.05
CA GLY B 271 -14.42 -4.53 7.41
C GLY B 271 -13.99 -3.07 7.43
#